data_1J5A
#
_entry.id   1J5A
#
_cell.length_a   169.900
_cell.length_b   412.700
_cell.length_c   697.000
_cell.angle_alpha   90.00
_cell.angle_beta   90.00
_cell.angle_gamma   90.00
#
_symmetry.space_group_name_H-M   'I 2 2 2'
#
loop_
_entity.id
_entity.type
_entity.pdbx_description
1 polymer '23S RRNA'
2 polymer 'RIBOSOMAL PROTEIN L4'
3 polymer 'RIBOSOMAL PROTEIN L22'
4 polymer 'RIBOSOMAL PROTEIN L32'
5 non-polymer CLARITHROMYCIN
6 non-polymer 'MAGNESIUM ION'
#
loop_
_entity_poly.entity_id
_entity_poly.type
_entity_poly.pdbx_seq_one_letter_code
_entity_poly.pdbx_strand_id
1 'polyribonucleotide'
;GGUCAAGAUAGUAAGGGUCCACGGUGGAUGCCCUGGCGCUGGAGCCGAUGAAGGACGCGAUUACCUGCGAAAAGCCCCGA
CGAGCUGGAGAUACGCUUUGACUCGGGGAUGUCCGAAUGGGGAAACCCACCUCGUAAGAGGUAUCCGCAAGGAUGGGAAC
UCAGGGAACUGAAACAUCUCAGUACCUGAAGGAGAAGAAAGAGAAUUCGAUUCCGUUAGUAGCGGCGAGCGAACCCGGAU
CAGCCCAAACCGAAACGCUUGCGUUUCGGGGUUGUAGGACCAGUUUUUAAGAUUCAACCCCUCAAGCCGAAGUGGCUGGA
AAGCUACACCUCAGAAGGUGAGAGUCCUGUAGGCGAACGAGCGGUUGACUGUACUGGCACCUGAGUAGGUCGUUGUUCGU
GAAACGAUGACUGAAUCCGCGCGGACCACCGCGCAAGGCUAAAUACUCCCAGUGACCGAUAGCGCAUAGUACCGUGAGGG
AAAGGUGAAAAGAACCCCGGGAGGGGAGUGAAAGAGAACCUGAAACCGUGGACUUACAAGCAGUCAUGGCACCUUAUGCG
UGUUAUGGCGUGCCUAUUGAAGCAUGAGCCGGCGACUUAGACCUGACGUGCGAGCUUAAGUUGAAAAACGGAGGCGGAGC
GAAAGCGAGUCCGAAUAGGGCGGCAUUAGUACGUCGGGCUAGACUCGAAACCAGGUGAGCUAAGCAUGACCAGGUUGAAA
CCCCCGUGACAGGGGGCGGAGGACCGAACCGGUGCCUGCUGAAACAGUCUCGGAUGAGUUGUGUUUAGGAGUGAAAAGCU
AACCGAACCUGGAGAUAGCUAGUUCUCCCCGAAAUGUAUUGAGGUACAGCCUCGGAUGUUGACCAUGUCCUGUAGAGCAC
UCACAAGGCUAGGGGGCCUACCAGCUUACCAAACCUUAUGAAACUCCGAAGGGGCACGCGUUUAGUCCGGGAGUGAGGCU
GCGAGAGCUAACUUCCGUAGCCGAGAGGGAAACAACCCAGACCAUCAGCUAAGGUCCCUAAAUGAUCGCUCAGUGGUUAA
GGAUGUGUCGUCGCAUAGACAGCCAGGAGGUUGGCUUAGAAGCAGCCACCCUUCAAAGAGUGCGUAAUAGCUCACUGGUC
GAGUGACGAUGCGCCGAAAAUGAUCGGGGCUCAAGUGAUCUACCGAAGCUAUGGAUUCAACUCGCGAAGCGAGUUGUCUG
GUAGGGGAGCGUUCAGUCCGCGGAGAAGCCAUACCGGAAGGAGUGGUGGAGCCGACUGAAGUGCGGAUGCCGGCAUGAGU
AACGAUAAAAGAAGUGAGAAUCUUCUUCGCCGUAAGGACAAGGGUUCCUGGGGAAGGGUCGUCCGCCCAGGGAAAGUCGG
GACCUAAGGUGAGGCCGAACGGCGCAGCCGAUGGACAGCAGGUCAAGAUUCCUGCACCGAUCAUGUGGAGUGAUGGAGGG
ACGCAUUACGCUAUCCAAUGCCAAGCUAUGGCUAUGCUGGUUGGUACGCUCAAGGGCGAUCGGGUCAGAAAAUCUACCGG
UCACAUGCCUCAGACGUAUCGGGAGCUUCCUCGGAAGCGAAGUUGGAAACGCGACGGUGCCAAGAAAAGCUUCUAAACGU
UGAAACAUGAUUGCCCGUACCGCAAACCGACACAGGUGUCCGAGUGUCAAUGCACUAAGGCGCGCGAGAGAACCCUCGUU
AAGGAACUUUGCAAUCUCACCCCGUAACUUCGGAAGAAGGGGUCCCCACGCUUCGCGUGGGGCGCAGUGAAUAGGCCCAG
GCGACUGUUUACCAAAAUCACAGCACUCUGCCAACACGAACAGUGGACGUAUAGGGUGUGACGCCUGCCCGGUGCCGGAA
GGUCAAGUGGAGCGGUGCAAGCUGCGAAAUGAAGCCCCGGUGAACGGCGGCCGUAACUAUAACGGUCCUAAGGUAGCGAA
AUUCCUUGUCGGGUAAGUUCCGACCUGCACGAAAGGCGUAACGAUCUGGGCGCUGUCUCAACGAGGGACUCGGUGAAAUU
GAAUUGGCUGUAAAGAUGCGGCCUACCCGUAGCAGGACGAAAAGACCCCGUGGAGCUUUACUAUAGUCUGGCAUUGGGAU
UCGGGUUUCUCUGCGUAGGAUAGGUGGGAGCCUGCGAAACUGGCCUUUUGGGGUCGGUGGAGGCAACGGUGAAAUACCAC
CCUGAGAAACUUGGAUUUCUAACCUGAAAAAUCACUUUCGGGGACCGUGCUUGGCGGGUAGUUUGACUGGGGCGGUCGCC
UCCCAAAAUGUAACGGAGGCGCCCAAAGGUCACCUCAAGACGGUUGGAAAUCGUCUGUAGAGCGCAAAGGUAGAAGGUGG
CUUGACUGCGAGACUGACACGUCGAGCAGGGAGGAAACUCGGGCUUAGUGAACCGGUGGUACCGUGUGGAAGGGCCAUCG
AUCAACGGAUAAAAGUUACCCCGGGGAUAACAGGCUGAUCUCCCCCGAGAGUCCAUAUCGGCGGGGAGGUUUGGCACCUC
GAUGUCGGCUCGUCGCAUCCUGGGGCUGAAGAAGGUCCCAAGGGUUGGGCUGUUCGCCCAUUAAAGCGGCACGCGAGCUG
GGUUCAGAACGUCGUGAGACAGUUCGGUCUCUAUCCGCUACGGGCGCAGGAGAAUUGAGGGGAGUUGCUCCUAGUACGAG
AGGACCGGAGUGAACGGACCGCUGGUCUCCCUGCUGUCGUACCAACGGCACAUGCAGGGUAGCUAUGUCCGGAACGGAUA
ACCGCUGAAAGCAUCUAAGCGGGAAGCCAGCCCCAAGAUGAGUUCUCCCACUGUUUAUCAGGUAAGACUCCCGGAAGACC
ACCGGGUUAAGAGGCCAGGCGUGCACGCAUAGCAAUGUGUUCAGCGGACUGGUGCUCAUCAGUCGAGGUCUUGACCACUC
;
A
2 'polypeptide(L)'
;MAQINVIGQNGGRTIELPLPEVNSGVLHEVVTWQLASRRRGTASTRTRAQVSKTGRKMYGQKGTGNARHGDRSVPTFVGG
GVAFGPKPRSYDYTLPRQVRQLGLAMAIASRQEGGKLVAVDGFDIADAKTKNFISWAKQNGLDGTEKVLLVTDDENTRRA
ARNVSWVSVLPVAGVNVYDILRHDRLVIDAAALEIVEEEAGEEQQ
;
K
3 'polypeptide(L)'
;MTAPEQTFRNKKQRKQQVKLRKPGFAVAKYVRMSPRKVRLVVDVIRGKSVQDAEDLLRFIPRSASEPVAKVLNSAKANAL
HNDEMLEDRLFVKEAYVDAGPTLKRLIPRARGSANIIKKRTSHITIIVAEKGNK
;
L
4 'polypeptide(L)' MAKHPVPKKKTSKSKRDMRRSHHALTAPNLTECPQCHGKKLSHHICPNCGYYDGRQVLAV M
#
# COMPACT_ATOMS: atom_id res chain seq x y z
CA ALA B 2 55.32 -10.89 -1.03
CA GLN B 3 54.27 -9.45 -4.39
CA ILE B 4 56.15 -7.16 -6.78
CA ASN B 5 55.58 -3.48 -7.61
CA VAL B 6 54.82 -2.43 -11.19
CA ILE B 7 56.17 0.72 -12.80
CA GLY B 8 59.24 2.49 -11.44
CA GLN B 9 61.21 0.14 -9.18
CA ASN B 10 60.71 -3.64 -9.21
CA GLY B 11 61.30 -5.06 -5.75
CA GLY B 12 58.85 -7.14 -3.75
CA ARG B 13 59.89 -8.05 -0.19
CA THR B 14 59.87 -6.37 3.27
CA ILE B 15 56.55 -6.67 5.14
CA GLU B 16 56.24 -7.58 8.79
CA LEU B 17 52.53 -7.56 7.80
CA PRO B 18 50.80 -10.33 9.83
CA LEU B 19 50.60 -13.64 7.99
CA PRO B 20 48.55 -15.92 10.21
CA GLU B 21 46.06 -18.11 8.39
CA VAL B 22 43.49 -15.46 7.52
CA ASN B 23 41.29 -15.53 10.62
CA SER B 24 37.70 -14.27 10.40
CA GLY B 25 36.69 -12.95 13.81
CA VAL B 26 39.76 -10.78 14.33
CA LEU B 27 39.29 -9.34 10.83
CA HIS B 28 35.52 -8.88 11.05
CA GLU B 29 35.49 -7.69 14.66
CA VAL B 30 37.11 -4.57 13.22
CA VAL B 31 34.68 -4.40 10.30
CA THR B 32 31.71 -4.69 12.62
CA TRP B 33 33.43 -1.99 14.67
CA GLN B 34 34.14 0.50 11.89
CA LEU B 35 30.50 0.29 10.82
CA ALA B 36 29.22 0.36 14.41
CA SER B 37 31.41 3.43 14.94
CA ARG B 38 30.60 4.96 11.57
CA ARG B 39 26.98 5.11 12.70
CA ARG B 40 25.40 8.36 13.88
CA GLY B 41 22.89 8.34 16.72
CA THR B 42 20.12 10.43 15.21
CA ALA B 43 16.44 9.55 15.65
CA SER B 44 13.23 11.40 16.55
CA THR B 45 11.20 8.78 18.45
CA ARG B 46 8.92 10.32 21.07
CA THR B 47 9.88 7.74 23.71
CA ARG B 48 9.19 10.85 25.74
CA ALA B 49 5.53 10.38 24.89
CA GLN B 50 4.68 11.56 28.40
CA VAL B 51 6.56 14.75 27.51
CA SER B 52 5.05 15.54 24.11
CA LYS B 53 2.74 18.58 24.52
CA THR B 54 -0.81 17.25 24.77
CA GLY B 55 -3.00 16.79 27.84
CA ARG B 56 -2.43 15.58 31.39
CA LYS B 57 -5.62 15.48 33.46
CA MET B 58 -8.32 13.54 31.61
CA TYR B 59 -12.06 13.25 32.34
CA GLY B 60 -13.46 11.29 35.29
CA GLN B 61 -11.75 8.53 37.26
CA LYS B 62 -13.72 6.07 39.43
CA GLY B 63 -17.12 5.63 37.82
CA THR B 64 -17.14 7.59 34.57
CA GLY B 65 -16.34 6.13 31.16
CA ASN B 66 -15.16 2.77 32.49
CA ALA B 67 -11.52 3.51 31.70
CA ARG B 68 -8.80 4.50 34.16
CA HIS B 69 -6.11 6.36 32.23
CA GLY B 70 -5.89 10.12 32.68
CA ASP B 71 -3.27 11.28 30.16
CA ARG B 72 -3.38 11.74 26.39
CA SER B 73 0.30 10.74 26.27
CA VAL B 74 -0.08 7.06 27.12
CA PRO B 75 1.83 4.76 24.73
CA THR B 76 -1.36 2.72 24.76
CA PHE B 77 -3.23 5.61 23.13
CA VAL B 78 -3.26 7.20 19.68
CA GLY B 79 -0.80 9.89 18.68
CA GLY B 80 0.91 10.37 22.02
CA GLY B 81 4.33 8.83 21.52
CA VAL B 82 6.23 5.59 22.04
CA ALA B 83 7.46 3.54 25.02
CA PHE B 84 11.01 2.38 24.23
CA GLY B 85 12.32 4.08 21.10
CA PRO B 86 15.72 4.79 19.44
CA LYS B 87 16.68 7.50 21.94
CA PRO B 88 19.67 9.59 20.74
CA ARG B 89 22.88 7.70 21.51
CA SER B 90 26.55 8.00 20.52
CA TYR B 91 27.78 4.41 20.11
CA ASP B 92 31.58 4.15 20.16
CA TYR B 93 33.39 0.82 20.52
CA THR B 94 37.02 1.95 20.80
CA LEU B 95 38.99 -1.29 20.28
CA PRO B 96 42.69 -2.01 21.08
CA ARG B 97 45.29 -0.82 18.56
CA GLN B 98 46.54 -4.37 18.17
CA VAL B 99 43.22 -5.82 17.01
CA ARG B 100 43.00 -2.82 14.69
CA GLN B 101 46.44 -3.06 13.09
CA LEU B 102 46.50 -6.85 13.41
CA GLY B 103 43.14 -6.75 11.65
CA LEU B 104 43.85 -3.97 9.15
CA ALA B 105 46.59 -6.32 7.98
CA MET B 106 44.42 -9.45 7.84
CA ALA B 107 42.94 -7.84 4.73
CA ILE B 108 46.17 -6.90 2.97
CA ALA B 109 47.27 -10.44 3.79
CA SER B 110 44.08 -12.00 2.42
CA ARG B 111 44.72 -10.08 -0.82
CA GLN B 112 48.23 -11.46 -1.32
CA GLU B 113 46.55 -14.63 -2.61
CA GLY B 114 43.74 -13.42 -4.86
CA GLY B 115 45.63 -10.66 -6.63
CA LYS B 116 47.23 -7.43 -5.48
CA LEU B 117 48.97 -4.66 -7.43
CA VAL B 118 51.42 -1.95 -6.38
CA ALA B 119 52.87 1.26 -7.82
CA VAL B 120 56.07 2.81 -6.51
CA ASP B 121 56.32 5.66 -9.02
CA GLY B 122 53.47 4.70 -11.33
CA PHE B 123 54.26 7.21 -14.05
CA ASP B 124 51.46 7.09 -16.64
CA ILE B 125 49.55 10.35 -16.19
CA ALA B 126 48.54 12.64 -19.05
CA ASP B 127 47.79 15.61 -16.79
CA ALA B 128 44.64 13.94 -15.42
CA LYS B 129 42.22 12.74 -18.10
CA THR B 130 40.82 9.48 -16.70
CA LYS B 131 42.05 7.88 -19.95
CA ASN B 132 45.70 6.93 -19.42
CA PHE B 133 44.45 5.73 -16.03
CA ILE B 134 41.75 3.30 -17.14
CA SER B 135 43.89 2.08 -20.04
CA TRP B 136 46.72 1.21 -17.66
CA ALA B 137 44.29 -1.32 -16.20
CA LYS B 138 44.58 -3.51 -19.30
CA GLN B 139 48.36 -3.72 -18.75
CA ASN B 140 47.82 -5.82 -15.62
CA GLY B 141 44.59 -7.69 -15.01
CA LEU B 142 41.79 -5.19 -14.52
CA ASP B 143 39.32 -6.28 -17.19
CA GLY B 144 35.92 -5.25 -15.89
CA THR B 145 34.74 -7.44 -13.02
CA GLU B 146 36.83 -6.13 -10.12
CA LYS B 147 36.56 -3.03 -7.93
CA VAL B 148 40.04 -1.53 -7.64
CA LEU B 149 41.46 0.48 -4.75
CA LEU B 150 44.53 2.39 -5.93
CA VAL B 151 44.77 4.28 -2.63
CA THR B 152 47.53 6.58 -3.98
CA ASP B 153 48.74 9.85 -2.40
CA ASP B 154 50.15 11.61 -5.48
CA GLU B 155 47.82 14.53 -6.16
CA ASN B 156 47.44 14.11 -9.91
CA THR B 157 46.93 10.34 -9.42
CA ARG B 158 43.85 11.25 -7.40
CA ARG B 159 41.94 13.62 -9.69
CA ALA B 160 41.96 11.37 -12.76
CA ALA B 161 40.10 8.63 -10.90
CA ARG B 162 36.32 8.58 -10.40
CA ASN B 163 34.87 5.30 -11.67
CA VAL B 164 32.16 3.68 -9.53
CA SER B 165 32.58 0.11 -10.77
CA TRP B 166 36.34 0.60 -11.00
CA VAL B 167 38.14 3.35 -9.08
CA SER B 168 37.79 4.47 -5.45
CA VAL B 169 41.28 5.65 -4.55
CA LEU B 170 41.62 6.96 -0.99
CA PRO B 171 44.45 9.54 -0.64
CA VAL B 172 46.32 10.50 2.52
CA ALA B 173 47.44 6.92 3.31
CA GLY B 174 44.32 5.56 4.98
CA VAL B 175 43.78 1.91 4.04
CA ASN B 176 41.83 0.09 6.74
CA VAL B 177 39.94 -3.23 6.74
CA TYR B 178 36.44 -2.18 5.67
CA ASP B 179 37.30 0.05 2.71
CA ILE B 180 39.74 -2.62 1.52
CA LEU B 181 37.04 -5.32 1.61
CA ARG B 182 34.55 -2.76 0.28
CA HIS B 183 35.91 -3.72 -3.13
CA ASP B 184 38.11 -6.37 -4.75
CA ARG B 185 41.69 -5.98 -6.00
CA LEU B 186 44.18 -3.47 -4.58
CA VAL B 187 46.72 -1.27 -6.38
CA ILE B 188 48.42 0.41 -3.41
CA ASP B 189 50.95 3.02 -4.49
CA ALA B 190 54.51 3.04 -3.12
CA ALA B 191 54.86 1.31 0.26
CA ALA B 192 54.72 4.37 2.52
CA LEU B 193 53.27 2.21 5.30
CA GLU B 194 54.26 -1.24 4.03
CA ILE B 195 58.03 -1.37 3.44
CA VAL B 196 58.65 1.78 5.50
CA GLU B 197 58.27 0.31 8.98
CA GLU B 198 59.65 1.14 12.43
CA GLU C 5 -11.70 -19.84 -27.26
CA GLN C 6 -10.19 -16.35 -27.46
CA THR C 7 -6.43 -16.69 -26.98
CA PHE C 8 -4.56 -13.60 -25.77
CA ARG C 9 -1.12 -12.49 -24.59
CA ASN C 10 -0.87 -10.18 -21.58
CA LYS C 11 -3.30 -8.78 -19.01
CA LYS C 12 -2.73 -5.41 -20.69
CA GLN C 13 -3.47 -6.52 -24.25
CA ARG C 14 -6.98 -7.63 -23.23
CA LYS C 15 -7.62 -4.13 -21.90
CA GLN C 16 -7.07 -2.87 -25.44
CA GLN C 17 -9.28 -5.01 -27.67
CA VAL C 18 -11.62 -5.24 -24.69
CA LYS C 19 -13.15 -2.19 -22.99
CA LEU C 20 -14.90 -4.33 -20.39
CA ARG C 21 -18.40 -2.82 -20.50
CA LYS C 22 -21.33 -4.91 -19.25
CA PRO C 23 -24.66 -3.98 -20.95
CA GLY C 24 -28.19 -4.13 -19.53
CA PHE C 25 -27.24 -2.71 -16.14
CA ALA C 26 -27.90 0.47 -14.13
CA VAL C 27 -27.31 1.95 -10.67
CA ALA C 28 -28.67 4.73 -8.45
CA LYS C 29 -25.75 5.63 -6.19
CA TYR C 30 -26.14 8.03 -3.25
CA VAL C 31 -29.77 7.29 -2.38
CA ARG C 32 -30.45 8.65 1.11
CA MET C 33 -32.66 5.66 1.88
CA SER C 34 -31.76 2.76 4.17
CA PRO C 35 -30.55 -0.25 2.14
CA ARG C 36 -32.87 -2.41 4.23
CA LYS C 37 -36.13 -0.72 3.23
CA VAL C 38 -35.16 -0.23 -0.42
CA ARG C 39 -34.04 -3.86 -0.37
CA LEU C 40 -37.70 -4.83 0.09
CA VAL C 41 -39.18 -2.94 -2.86
CA VAL C 42 -36.40 -4.42 -5.01
CA ASP C 43 -37.14 -7.91 -3.66
CA VAL C 44 -40.44 -8.08 -5.54
CA ILE C 45 -38.92 -6.34 -8.57
CA ARG C 46 -36.59 -9.15 -9.62
CA GLY C 47 -38.55 -11.98 -11.21
CA LYS C 48 -40.11 -11.87 -14.67
CA SER C 49 -40.87 -9.22 -17.31
CA VAL C 50 -39.92 -5.57 -16.85
CA GLN C 51 -43.50 -4.52 -17.60
CA ASP C 52 -44.93 -6.37 -14.60
CA ALA C 53 -42.11 -4.64 -12.74
CA GLU C 54 -43.65 -1.31 -13.75
CA ASP C 55 -47.24 -2.01 -12.71
CA LEU C 56 -46.04 -3.37 -9.36
CA LEU C 57 -44.26 -0.11 -8.52
CA ARG C 58 -46.58 2.68 -9.65
CA PHE C 59 -48.40 2.00 -6.39
CA ILE C 60 -46.56 0.36 -3.47
CA PRO C 61 -47.11 2.65 -0.43
CA ARG C 62 -43.34 2.42 0.11
CA SER C 63 -41.67 5.69 -0.90
CA ALA C 64 -38.77 3.62 -2.24
CA SER C 65 -41.02 2.30 -5.02
CA GLU C 66 -40.25 5.54 -6.87
CA PRO C 67 -36.45 6.08 -6.75
CA VAL C 68 -35.98 2.37 -7.44
CA ALA C 69 -38.45 2.58 -10.33
CA LYS C 70 -36.67 5.54 -11.92
CA VAL C 71 -33.73 3.16 -12.27
CA LEU C 72 -35.84 0.35 -13.71
CA ASN C 73 -36.81 2.40 -16.75
CA SER C 74 -33.18 3.50 -16.91
CA ALA C 75 -31.90 -0.06 -17.23
CA LYS C 76 -34.79 -0.81 -19.58
CA ALA C 77 -33.65 2.13 -21.70
CA ASN C 78 -30.01 1.08 -22.04
CA ALA C 79 -31.26 -2.45 -22.75
CA LEU C 80 -33.13 -1.32 -25.87
CA HIS C 81 -30.69 1.39 -26.97
CA ASN C 82 -27.08 0.69 -25.99
CA ASP C 83 -27.51 -3.00 -25.19
CA GLU C 84 -29.73 -3.32 -28.28
CA MET C 85 -32.50 -5.66 -27.10
CA LEU C 86 -36.29 -6.02 -27.35
CA GLU C 87 -38.60 -4.86 -24.57
CA ASP C 88 -40.93 -7.72 -25.52
CA ARG C 89 -38.42 -10.03 -23.84
CA LEU C 90 -36.69 -7.75 -21.33
CA PHE C 91 -37.27 -8.73 -17.71
CA VAL C 92 -35.58 -8.52 -14.30
CA LYS C 93 -32.69 -10.97 -13.95
CA GLU C 94 -30.69 -9.23 -11.22
CA ALA C 95 -31.85 -6.70 -8.64
CA TYR C 96 -29.73 -5.82 -5.61
CA VAL C 97 -28.97 -2.79 -3.45
CA ASP C 98 -25.44 -2.19 -2.17
CA ALA C 99 -25.00 0.28 0.69
CA GLY C 100 -24.17 3.97 0.52
CA PRO C 101 -21.97 5.91 3.00
CA THR C 102 -23.20 7.34 6.30
CA LEU C 103 -24.24 10.74 7.66
CA LYS C 104 -23.64 12.49 10.99
CA ARG C 105 -26.58 13.83 13.01
CA LEU C 106 -26.03 14.27 16.75
CA ILE C 107 -29.58 13.97 18.06
CA PRO C 108 -29.53 15.61 21.53
CA ARG C 109 -30.78 12.87 23.85
CA ALA C 110 -32.05 13.38 27.41
CA ARG C 111 -29.65 14.35 30.19
CA GLY C 112 -26.47 15.39 28.37
CA SER C 113 -26.03 11.99 26.71
CA ALA C 114 -25.15 12.84 23.10
CA ASN C 115 -25.91 10.52 20.20
CA ILE C 116 -25.50 9.80 16.48
CA ILE C 117 -27.99 8.96 13.73
CA LYS C 118 -27.07 6.68 10.83
CA LYS C 119 -28.68 8.19 7.73
CA ARG C 120 -27.64 5.15 5.72
CA THR C 121 -27.55 5.54 1.94
CA SER C 122 -28.09 2.98 -0.83
CA HIS C 123 -26.85 1.99 -4.29
CA ILE C 124 -30.01 0.77 -6.02
CA THR C 125 -28.79 -1.60 -8.74
CA ILE C 126 -30.82 -3.69 -11.19
CA ILE C 127 -29.95 -5.68 -14.32
CA VAL C 128 -32.43 -6.21 -17.14
CA ALA C 129 -32.10 -8.20 -20.37
CA GLU C 130 -33.67 -10.68 -22.79
CA LYS C 131 -34.50 -14.07 -21.28
CA GLY C 132 -36.35 -17.34 -21.79
CA ASN C 133 -35.48 -21.02 -22.15
CA LYS C 134 -33.95 -19.98 -25.48
CA ALA D 2 -30.33 4.63 34.24
CA LYS D 3 -30.98 2.23 31.31
CA HIS D 4 -32.57 -0.86 32.94
CA PRO D 5 -34.12 -3.59 30.78
CA VAL D 6 -30.98 -4.43 28.84
CA PRO D 7 -29.96 -7.20 26.38
CA LYS D 8 -27.46 -9.99 26.98
CA LYS D 9 -26.91 -11.64 23.61
CA LYS D 10 -26.32 -10.21 20.15
CA THR D 11 -27.51 -12.70 17.59
CA SER D 12 -26.14 -11.60 14.20
CA LYS D 13 -27.61 -12.93 10.93
CA SER D 14 -28.90 -16.05 12.67
CA LYS D 15 -31.81 -14.66 14.73
CA ARG D 16 -31.79 -11.27 13.01
CA ASP D 17 -32.73 -12.82 9.69
CA MET D 18 -35.31 -15.06 11.36
CA ARG D 19 -37.10 -11.76 12.02
CA ARG D 20 -36.73 -10.52 8.44
CA SER D 21 -38.54 -13.54 6.96
CA HIS D 22 -41.91 -12.01 7.72
CA HIS D 23 -40.90 -8.52 6.59
CA ALA D 24 -41.93 -9.41 3.04
CA LEU D 25 -43.79 -6.99 0.72
CA THR D 26 -47.14 -8.37 -0.45
CA ALA D 27 -47.35 -8.05 -4.24
CA PRO D 28 -50.27 -5.63 -4.90
CA ASN D 29 -52.70 -7.86 -6.80
CA LEU D 30 -53.53 -5.73 -9.83
CA THR D 31 -56.15 -6.08 -12.58
CA GLU D 32 -56.97 -4.78 -16.06
CA CYS D 33 -59.07 -1.66 -16.49
CA PRO D 34 -62.25 -1.42 -18.62
CA GLN D 35 -61.81 0.49 -21.91
CA CYS D 36 -58.46 1.30 -20.37
CA HIS D 37 -55.37 -0.88 -19.88
CA GLY D 38 -52.83 -1.64 -17.15
CA LYS D 39 -52.42 -0.21 -13.63
CA LYS D 40 -55.48 -1.04 -11.53
CA LEU D 41 -55.36 -1.57 -7.79
CA SER D 42 -58.64 -3.45 -7.41
CA HIS D 43 -61.49 -1.39 -5.92
CA HIS D 44 -59.80 1.95 -6.63
CA ILE D 45 -59.31 4.11 -9.71
CA CYS D 46 -57.41 3.59 -12.96
CA PRO D 47 -54.99 6.55 -13.48
CA ASN D 48 -54.88 6.60 -17.30
CA CYS D 49 -58.63 6.96 -17.65
CA GLY D 50 -60.44 6.80 -14.32
CA TYR D 51 -63.21 4.26 -14.85
CA TYR D 52 -65.26 2.26 -12.34
CA ASP D 53 -68.27 1.40 -14.50
CA GLY D 54 -68.03 4.69 -16.36
CA ARG D 55 -65.64 7.63 -16.35
CA GLN D 56 -65.19 9.47 -13.06
CA VAL D 57 -62.24 11.63 -11.92
CA LEU D 58 -60.37 13.71 -14.54
CA ALA D 59 -56.76 13.37 -15.71
#